data_7R6G
#
_entry.id   7R6G
#
_cell.length_a   99.530
_cell.length_b   99.530
_cell.length_c   42.820
_cell.angle_alpha   90.000
_cell.angle_beta   90.000
_cell.angle_gamma   90.000
#
_symmetry.space_group_name_H-M   'P 43'
#
loop_
_entity.id
_entity.type
_entity.pdbx_description
1 polymer 'Dihydrofolate reductase type 5'
2 non-polymer TRIMETHOPRIM
3 non-polymer 'NADPH DIHYDRO-NICOTINAMIDE-ADENINE-DINUCLEOTIDE PHOSPHATE'
4 non-polymer 'SULFATE ION'
5 water water
#
_entity_poly.entity_id   1
_entity_poly.type   'polypeptide(L)'
_entity_poly.pdbx_seq_one_letter_code
;MKVSLMAAKAKNGVIGCGPHIPWSAKGEQLLFKALTYNQWLLVGRKTFESMGALPNRKYAVVTRSAWTADNDNVIVFPSI
EEAMYGLAELTDHVIVSGGGEIYRETLPMASTLHISTIDIEPEGDVFFPNIPNTFEVVFEQHFSSNINYCYQIWQKG
;
_entity_poly.pdbx_strand_id   A,B
#
loop_
_chem_comp.id
_chem_comp.type
_chem_comp.name
_chem_comp.formula
NDP non-polymer 'NADPH DIHYDRO-NICOTINAMIDE-ADENINE-DINUCLEOTIDE PHOSPHATE' 'C21 H30 N7 O17 P3'
SO4 non-polymer 'SULFATE ION' 'O4 S -2'
TOP non-polymer TRIMETHOPRIM 'C14 H18 N4 O3'
#
# COMPACT_ATOMS: atom_id res chain seq x y z
N MET A 1 -7.16 19.26 -7.95
CA MET A 1 -6.41 18.28 -7.18
C MET A 1 -7.14 16.94 -7.26
N LYS A 2 -6.41 15.85 -7.19
CA LYS A 2 -6.99 14.49 -7.24
C LYS A 2 -7.54 14.18 -5.85
N VAL A 3 -8.75 13.64 -5.81
CA VAL A 3 -9.41 13.17 -4.57
C VAL A 3 -9.42 11.64 -4.62
N SER A 4 -8.71 11.01 -3.68
CA SER A 4 -8.83 9.57 -3.41
C SER A 4 -9.78 9.41 -2.24
N LEU A 5 -10.20 8.19 -1.99
CA LEU A 5 -10.99 7.84 -0.80
C LEU A 5 -10.43 6.52 -0.26
N MET A 6 -10.23 6.41 1.04
CA MET A 6 -9.69 5.18 1.67
C MET A 6 -10.62 4.70 2.80
N ALA A 7 -11.07 3.46 2.73
CA ALA A 7 -11.99 2.87 3.70
C ALA A 7 -11.75 1.40 3.89
N ALA A 8 -12.28 0.92 5.01
CA ALA A 8 -12.26 -0.49 5.40
C ALA A 8 -13.66 -0.82 5.88
N LYS A 9 -14.29 -1.82 5.26
CA LYS A 9 -15.69 -2.20 5.54
C LYS A 9 -15.77 -3.71 5.70
N ALA A 10 -16.65 -4.17 6.57
CA ALA A 10 -17.11 -5.57 6.67
C ALA A 10 -17.79 -5.94 5.36
N LYS A 11 -17.93 -7.24 5.09
CA LYS A 11 -18.59 -7.80 3.89
C LYS A 11 -20.04 -7.28 3.78
N ASN A 12 -20.65 -6.95 4.91
CA ASN A 12 -22.06 -6.47 4.96
C ASN A 12 -22.10 -4.94 4.83
N GLY A 13 -20.95 -4.29 4.60
CA GLY A 13 -20.85 -2.82 4.47
C GLY A 13 -20.72 -2.08 5.79
N VAL A 14 -20.70 -2.72 6.95
CA VAL A 14 -20.55 -1.95 8.23
C VAL A 14 -19.14 -1.32 8.28
N ILE A 15 -19.05 -0.03 8.62
CA ILE A 15 -17.79 0.68 8.93
C ILE A 15 -17.77 1.19 10.37
N GLY A 16 -18.83 1.05 11.14
CA GLY A 16 -18.88 1.66 12.49
C GLY A 16 -20.07 1.16 13.27
N CYS A 17 -19.83 0.83 14.55
CA CYS A 17 -20.84 0.62 15.61
C CYS A 17 -20.61 1.74 16.64
N GLY A 18 -21.37 2.84 16.53
CA GLY A 18 -21.07 4.12 17.21
C GLY A 18 -19.64 4.56 16.90
N PRO A 19 -18.86 5.03 17.91
CA PRO A 19 -17.49 5.52 17.66
C PRO A 19 -16.40 4.43 17.63
N HIS A 20 -16.77 3.14 17.53
CA HIS A 20 -15.82 1.99 17.45
C HIS A 20 -15.91 1.36 16.05
N ILE A 21 -14.88 0.63 15.65
CA ILE A 21 -14.89 -0.33 14.51
C ILE A 21 -15.06 -1.73 15.12
N PRO A 22 -16.19 -2.42 14.83
CA PRO A 22 -16.52 -3.70 15.47
C PRO A 22 -15.79 -4.88 14.81
N TRP A 23 -14.47 -4.89 14.97
CA TRP A 23 -13.52 -5.88 14.42
C TRP A 23 -12.12 -5.28 14.49
N SER A 24 -11.13 -6.15 14.52
CA SER A 24 -9.70 -5.79 14.42
C SER A 24 -9.04 -6.87 13.54
N ALA A 25 -8.75 -6.53 12.29
CA ALA A 25 -8.04 -7.39 11.32
C ALA A 25 -6.55 -7.00 11.31
N LYS A 26 -5.74 -7.80 12.00
CA LYS A 26 -4.27 -7.70 12.05
C LYS A 26 -3.71 -7.69 10.62
N GLY A 27 -2.92 -6.66 10.29
CA GLY A 27 -2.34 -6.40 8.95
C GLY A 27 -3.02 -5.24 8.22
N GLU A 28 -4.34 -5.14 8.24
CA GLU A 28 -5.11 -4.30 7.29
C GLU A 28 -4.64 -2.85 7.40
N GLN A 29 -4.44 -2.37 8.64
CA GLN A 29 -4.22 -0.93 8.86
C GLN A 29 -2.87 -0.54 8.31
N LEU A 30 -1.96 -1.47 8.08
CA LEU A 30 -0.68 -1.17 7.36
C LEU A 30 -0.95 -0.44 6.04
N LEU A 31 -2.06 -0.76 5.36
CA LEU A 31 -2.36 -0.21 4.00
C LEU A 31 -2.77 1.24 4.20
N PHE A 32 -3.62 1.50 5.17
CA PHE A 32 -4.01 2.87 5.55
C PHE A 32 -2.74 3.66 5.89
N LYS A 33 -1.82 3.11 6.71
CA LYS A 33 -0.64 3.87 7.18
C LYS A 33 0.24 4.15 5.95
N ALA A 34 0.46 3.18 5.07
CA ALA A 34 1.39 3.37 3.95
C ALA A 34 0.83 4.36 2.94
N LEU A 35 -0.46 4.40 2.67
CA LEU A 35 -0.98 5.27 1.59
C LEU A 35 -1.34 6.67 2.07
N THR A 36 -1.45 6.88 3.37
CA THR A 36 -1.77 8.20 3.94
C THR A 36 -0.48 8.88 4.35
N TYR A 37 0.67 8.21 4.23
CA TYR A 37 1.94 8.76 4.78
C TYR A 37 2.25 10.10 4.10
N ASN A 38 2.44 11.15 4.90
CA ASN A 38 2.69 12.56 4.48
C ASN A 38 1.70 13.01 3.42
N GLN A 39 0.44 12.61 3.53
CA GLN A 39 -0.65 13.07 2.64
C GLN A 39 -1.55 14.00 3.45
N TRP A 40 -2.37 14.80 2.76
CA TRP A 40 -3.54 15.49 3.36
C TRP A 40 -4.75 14.55 3.40
N LEU A 41 -5.39 14.40 4.58
CA LEU A 41 -6.61 13.59 4.73
C LEU A 41 -7.77 14.52 5.06
N LEU A 42 -8.91 14.23 4.45
CA LEU A 42 -10.19 14.88 4.76
C LEU A 42 -11.01 13.92 5.65
N VAL A 43 -11.33 14.35 6.86
CA VAL A 43 -12.14 13.56 7.82
C VAL A 43 -13.24 14.45 8.39
N GLY A 44 -14.41 13.88 8.59
CA GLY A 44 -15.48 14.49 9.40
C GLY A 44 -15.05 14.61 10.84
N ARG A 45 -15.70 15.53 11.54
CA ARG A 45 -15.30 15.91 12.90
C ARG A 45 -15.50 14.70 13.85
N LYS A 46 -16.51 13.84 13.62
CA LYS A 46 -16.83 12.73 14.56
C LYS A 46 -15.70 11.71 14.46
N THR A 47 -15.29 11.39 13.24
CA THR A 47 -14.25 10.38 12.98
C THR A 47 -12.95 10.91 13.56
N PHE A 48 -12.72 12.21 13.44
CA PHE A 48 -11.44 12.81 13.85
C PHE A 48 -11.31 12.69 15.38
N GLU A 49 -12.40 12.93 16.09
CA GLU A 49 -12.41 12.87 17.56
C GLU A 49 -12.26 11.42 18.02
N SER A 50 -12.98 10.51 17.38
CA SER A 50 -12.98 9.10 17.81
C SER A 50 -11.65 8.44 17.43
N MET A 51 -10.93 8.88 16.39
CA MET A 51 -9.80 8.05 15.89
C MET A 51 -8.48 8.79 16.10
N GLY A 52 -8.49 10.11 16.33
CA GLY A 52 -7.29 10.88 16.68
C GLY A 52 -6.38 11.14 15.49
N ALA A 53 -5.69 12.28 15.51
CA ALA A 53 -4.61 12.64 14.57
C ALA A 53 -3.53 11.56 14.67
N LEU A 54 -2.92 11.18 13.54
CA LEU A 54 -1.68 10.40 13.51
C LEU A 54 -0.54 11.37 13.27
N PRO A 55 0.68 10.99 13.71
CA PRO A 55 1.88 11.74 13.32
C PRO A 55 2.12 11.61 11.81
N ASN A 56 2.80 12.58 11.20
CA ASN A 56 3.29 12.51 9.79
C ASN A 56 2.18 12.66 8.76
N ARG A 57 1.04 13.21 9.17
CA ARG A 57 -0.17 13.36 8.34
C ARG A 57 -0.75 14.74 8.59
N LYS A 58 -1.38 15.32 7.58
CA LYS A 58 -2.02 16.64 7.60
C LYS A 58 -3.52 16.39 7.50
N TYR A 59 -4.31 17.19 8.22
CA TYR A 59 -5.76 16.99 8.35
C TYR A 59 -6.52 18.25 7.98
N ALA A 60 -7.45 18.09 7.05
CA ALA A 60 -8.61 18.97 6.82
C ALA A 60 -9.81 18.34 7.49
N VAL A 61 -10.37 19.01 8.47
CA VAL A 61 -11.52 18.49 9.25
C VAL A 61 -12.66 19.46 8.98
N VAL A 62 -13.86 18.95 8.70
CA VAL A 62 -15.05 19.82 8.43
C VAL A 62 -16.01 19.70 9.60
N THR A 63 -16.61 20.83 9.97
CA THR A 63 -17.63 20.94 11.04
C THR A 63 -18.68 21.95 10.56
N ARG A 64 -19.91 21.79 11.05
CA ARG A 64 -20.99 22.82 10.88
C ARG A 64 -21.10 23.66 12.16
N SER A 65 -20.36 23.31 13.25
CA SER A 65 -20.26 24.12 14.51
C SER A 65 -19.06 25.07 14.40
N ALA A 66 -18.73 25.67 15.56
CA ALA A 66 -17.51 26.44 15.84
C ALA A 66 -16.45 25.55 16.48
N TRP A 67 -16.57 24.23 16.33
CA TRP A 67 -15.58 23.21 16.79
C TRP A 67 -14.20 23.57 16.24
N THR A 68 -13.14 23.38 17.04
CA THR A 68 -11.75 23.56 16.57
C THR A 68 -10.88 22.47 17.19
N ALA A 69 -9.66 22.35 16.68
CA ALA A 69 -8.60 21.45 17.12
C ALA A 69 -7.47 22.19 17.88
N ASP A 70 -6.59 21.37 18.44
CA ASP A 70 -5.52 21.72 19.42
C ASP A 70 -4.18 21.38 18.72
N ASN A 71 -4.08 21.63 17.41
CA ASN A 71 -3.05 20.98 16.57
C ASN A 71 -2.75 21.90 15.39
N ASP A 72 -1.48 22.29 15.19
CA ASP A 72 -1.06 23.10 14.02
C ASP A 72 -0.96 22.23 12.77
N ASN A 73 -1.18 20.92 12.87
CA ASN A 73 -1.23 19.99 11.70
C ASN A 73 -2.67 19.85 11.18
N VAL A 74 -3.61 20.61 11.73
CA VAL A 74 -5.06 20.44 11.41
C VAL A 74 -5.66 21.73 10.88
N ILE A 75 -6.39 21.70 9.78
CA ILE A 75 -7.15 22.88 9.30
C ILE A 75 -8.65 22.57 9.32
N VAL A 76 -9.40 23.39 10.03
CA VAL A 76 -10.86 23.20 10.18
C VAL A 76 -11.54 24.06 9.12
N PHE A 77 -12.51 23.48 8.41
CA PHE A 77 -13.26 24.19 7.37
C PHE A 77 -14.73 24.07 7.69
N PRO A 78 -15.56 25.08 7.31
CA PRO A 78 -17.00 25.05 7.56
C PRO A 78 -17.78 24.22 6.53
N SER A 79 -17.10 23.81 5.45
CA SER A 79 -17.69 23.01 4.35
C SER A 79 -16.62 22.25 3.57
N ILE A 80 -17.05 21.26 2.78
CA ILE A 80 -16.17 20.45 1.93
C ILE A 80 -15.68 21.31 0.77
N GLU A 81 -16.51 22.21 0.29
CA GLU A 81 -16.11 23.09 -0.82
C GLU A 81 -14.97 23.99 -0.33
N GLU A 82 -15.09 24.54 0.87
CA GLU A 82 -14.06 25.42 1.45
C GLU A 82 -12.78 24.59 1.66
N ALA A 83 -12.91 23.40 2.25
CA ALA A 83 -11.77 22.50 2.48
C ALA A 83 -11.05 22.26 1.15
N MET A 84 -11.80 21.99 0.07
CA MET A 84 -11.22 21.67 -1.24
C MET A 84 -10.46 22.90 -1.74
N TYR A 85 -11.06 24.09 -1.66
CA TYR A 85 -10.49 25.32 -2.22
C TYR A 85 -9.19 25.60 -1.45
N GLY A 86 -9.27 25.59 -0.12
CA GLY A 86 -8.11 25.74 0.79
C GLY A 86 -7.01 24.73 0.50
N LEU A 87 -7.30 23.43 0.50
CA LEU A 87 -6.30 22.39 0.25
C LEU A 87 -5.61 22.64 -1.09
N ALA A 88 -6.35 23.04 -2.11
CA ALA A 88 -5.84 23.18 -3.49
C ALA A 88 -4.71 24.23 -3.53
N GLU A 89 -4.56 25.04 -2.50
CA GLU A 89 -3.47 26.03 -2.45
C GLU A 89 -2.25 25.32 -1.88
N LEU A 90 -2.40 24.14 -1.25
CA LEU A 90 -1.34 23.44 -0.45
C LEU A 90 -0.94 22.10 -1.07
N THR A 91 -1.76 21.48 -1.91
CA THR A 91 -1.57 20.06 -2.32
C THR A 91 -2.32 19.76 -3.62
N ASP A 92 -1.74 18.92 -4.47
CA ASP A 92 -2.32 18.31 -5.70
C ASP A 92 -3.18 17.09 -5.32
N HIS A 93 -3.22 16.65 -4.05
CA HIS A 93 -3.82 15.35 -3.67
C HIS A 93 -4.44 15.41 -2.27
N VAL A 94 -5.64 14.89 -2.10
CA VAL A 94 -6.25 14.70 -0.76
C VAL A 94 -6.87 13.31 -0.69
N ILE A 95 -6.75 12.63 0.43
CA ILE A 95 -7.34 11.29 0.65
C ILE A 95 -8.47 11.48 1.66
N VAL A 96 -9.69 11.29 1.20
CA VAL A 96 -10.90 11.27 2.08
C VAL A 96 -10.80 10.00 2.91
N SER A 97 -10.74 10.14 4.23
CA SER A 97 -10.49 9.02 5.17
C SER A 97 -11.65 8.87 6.15
N GLY A 98 -12.83 9.39 5.81
CA GLY A 98 -14.06 8.90 6.43
C GLY A 98 -14.76 9.84 7.41
N GLY A 99 -15.65 9.14 8.14
CA GLY A 99 -17.08 9.39 8.25
C GLY A 99 -17.86 8.61 7.20
N GLY A 100 -18.93 7.93 7.61
CA GLY A 100 -20.01 7.53 6.69
C GLY A 100 -20.62 8.72 5.96
N GLU A 101 -20.98 9.79 6.66
CA GLU A 101 -21.50 11.05 6.07
C GLU A 101 -20.50 11.56 5.02
N ILE A 102 -19.23 11.68 5.40
CA ILE A 102 -18.19 12.26 4.49
C ILE A 102 -18.04 11.43 3.23
N TYR A 103 -18.12 10.10 3.37
CA TYR A 103 -17.89 9.14 2.27
C TYR A 103 -19.03 9.36 1.27
N ARG A 104 -20.26 9.42 1.79
CA ARG A 104 -21.49 9.67 1.00
C ARG A 104 -21.34 10.99 0.26
N GLU A 105 -20.83 12.04 0.92
CA GLU A 105 -20.77 13.43 0.36
C GLU A 105 -19.68 13.60 -0.69
N THR A 106 -18.66 12.72 -0.74
CA THR A 106 -17.36 12.98 -1.44
C THR A 106 -17.11 11.93 -2.52
N LEU A 107 -17.78 10.79 -2.45
CA LEU A 107 -17.65 9.66 -3.39
C LEU A 107 -17.80 10.15 -4.83
N PRO A 108 -18.84 10.95 -5.18
CA PRO A 108 -18.87 11.69 -6.45
C PRO A 108 -17.68 12.59 -6.87
N MET A 109 -16.75 12.98 -5.99
CA MET A 109 -15.57 13.79 -6.44
C MET A 109 -14.32 12.90 -6.58
N ALA A 110 -14.40 11.68 -6.11
CA ALA A 110 -13.23 10.78 -5.94
C ALA A 110 -12.93 10.15 -7.30
N SER A 111 -11.67 10.00 -7.66
CA SER A 111 -11.27 9.37 -8.94
C SER A 111 -10.51 8.06 -8.65
N THR A 112 -10.22 7.76 -7.39
CA THR A 112 -9.53 6.51 -6.94
C THR A 112 -10.05 6.11 -5.56
N LEU A 113 -10.61 4.91 -5.44
CA LEU A 113 -11.01 4.30 -4.13
C LEU A 113 -9.96 3.28 -3.70
N HIS A 114 -9.57 3.34 -2.43
CA HIS A 114 -8.76 2.28 -1.78
C HIS A 114 -9.70 1.57 -0.80
N ILE A 115 -10.20 0.40 -1.16
CA ILE A 115 -11.25 -0.28 -0.35
C ILE A 115 -10.72 -1.58 0.22
N SER A 116 -10.76 -1.71 1.54
CA SER A 116 -10.48 -2.97 2.26
C SER A 116 -11.80 -3.56 2.73
N THR A 117 -12.03 -4.82 2.37
CA THR A 117 -13.21 -5.58 2.79
C THR A 117 -12.71 -6.66 3.71
N ILE A 118 -13.20 -6.63 4.93
CA ILE A 118 -12.85 -7.59 5.99
C ILE A 118 -13.88 -8.72 5.92
N ASP A 119 -13.43 -9.96 5.99
CA ASP A 119 -14.33 -11.15 6.03
C ASP A 119 -15.06 -11.24 7.40
N ILE A 120 -16.06 -10.40 7.63
CA ILE A 120 -16.91 -10.44 8.85
C ILE A 120 -18.24 -9.72 8.56
N GLU A 121 -19.32 -10.03 9.31
CA GLU A 121 -20.68 -9.43 9.12
C GLU A 121 -21.20 -9.04 10.50
N PRO A 122 -20.58 -8.03 11.16
CA PRO A 122 -20.99 -7.60 12.50
C PRO A 122 -22.21 -6.67 12.51
N GLU A 123 -22.68 -6.27 13.71
CA GLU A 123 -23.79 -5.29 13.93
C GLU A 123 -23.25 -3.86 13.75
N GLY A 124 -24.05 -2.95 13.20
CA GLY A 124 -23.52 -1.67 12.71
C GLY A 124 -24.53 -0.56 12.55
N ASP A 125 -24.38 0.45 13.40
CA ASP A 125 -24.90 1.83 13.20
C ASP A 125 -24.54 2.35 11.77
N VAL A 126 -23.29 2.31 11.30
CA VAL A 126 -22.78 3.09 10.12
C VAL A 126 -22.34 2.16 8.97
N PHE A 127 -22.52 2.58 7.72
CA PHE A 127 -22.34 1.75 6.50
C PHE A 127 -21.55 2.51 5.44
N PHE A 128 -20.77 1.80 4.65
CA PHE A 128 -20.05 2.40 3.50
C PHE A 128 -21.06 2.47 2.37
N PRO A 129 -21.09 3.53 1.55
CA PRO A 129 -22.07 3.58 0.46
C PRO A 129 -21.77 2.48 -0.60
N ASN A 130 -22.72 2.22 -1.51
CA ASN A 130 -22.48 1.27 -2.63
C ASN A 130 -21.60 1.98 -3.65
N ILE A 131 -20.75 1.22 -4.30
CA ILE A 131 -19.70 1.76 -5.20
C ILE A 131 -20.34 1.89 -6.57
N PRO A 132 -20.50 3.11 -7.10
CA PRO A 132 -21.26 3.27 -8.35
C PRO A 132 -20.46 2.57 -9.46
N ASN A 133 -21.11 2.14 -10.54
CA ASN A 133 -20.45 1.41 -11.66
C ASN A 133 -19.59 2.39 -12.52
N THR A 134 -19.53 3.65 -12.14
CA THR A 134 -18.60 4.64 -12.73
C THR A 134 -17.15 4.24 -12.42
N PHE A 135 -16.90 3.32 -11.47
CA PHE A 135 -15.53 2.89 -11.06
C PHE A 135 -15.30 1.43 -11.43
N GLU A 136 -14.05 1.04 -11.65
CA GLU A 136 -13.62 -0.34 -12.00
C GLU A 136 -12.39 -0.74 -11.16
N VAL A 137 -12.34 -1.99 -10.70
CA VAL A 137 -11.18 -2.55 -9.95
C VAL A 137 -9.98 -2.65 -10.88
N VAL A 138 -8.82 -2.14 -10.48
CA VAL A 138 -7.60 -2.21 -11.33
C VAL A 138 -6.50 -3.01 -10.61
N PHE A 139 -6.70 -3.24 -9.32
CA PHE A 139 -5.76 -4.05 -8.52
C PHE A 139 -6.51 -4.67 -7.36
N GLU A 140 -6.05 -5.82 -6.89
CA GLU A 140 -6.72 -6.60 -5.84
C GLU A 140 -5.65 -7.52 -5.21
N GLN A 141 -5.68 -7.69 -3.90
CA GLN A 141 -4.78 -8.64 -3.24
C GLN A 141 -5.52 -9.19 -2.03
N HIS A 142 -5.47 -10.51 -1.83
CA HIS A 142 -6.10 -11.20 -0.67
C HIS A 142 -5.06 -11.32 0.45
N PHE A 143 -5.49 -11.16 1.70
CA PHE A 143 -4.66 -11.39 2.88
C PHE A 143 -5.36 -12.40 3.81
N SER A 144 -4.64 -13.44 4.21
CA SER A 144 -4.99 -14.33 5.35
C SER A 144 -4.56 -13.65 6.65
N SER A 145 -5.46 -13.55 7.62
CA SER A 145 -5.15 -13.06 8.97
C SER A 145 -6.11 -13.67 9.98
N ASN A 146 -6.09 -13.21 11.23
CA ASN A 146 -7.09 -13.53 12.29
C ASN A 146 -8.48 -13.37 11.65
N ILE A 147 -8.67 -12.31 10.87
CA ILE A 147 -9.83 -12.14 9.96
C ILE A 147 -9.29 -11.83 8.56
N ASN A 148 -9.65 -12.61 7.55
CA ASN A 148 -9.11 -12.36 6.20
C ASN A 148 -9.63 -11.01 5.74
N TYR A 149 -8.95 -10.43 4.76
CA TYR A 149 -9.33 -9.14 4.18
C TYR A 149 -8.82 -9.10 2.76
N CYS A 150 -9.51 -8.34 1.97
CA CYS A 150 -9.22 -8.11 0.54
C CYS A 150 -9.03 -6.59 0.36
N TYR A 151 -8.02 -6.20 -0.40
CA TYR A 151 -7.68 -4.81 -0.70
C TYR A 151 -7.88 -4.63 -2.20
N GLN A 152 -8.62 -3.59 -2.58
CA GLN A 152 -8.88 -3.30 -4.00
C GLN A 152 -8.68 -1.82 -4.26
N ILE A 153 -8.08 -1.52 -5.39
CA ILE A 153 -8.05 -0.15 -5.93
C ILE A 153 -9.05 -0.03 -7.10
N TRP A 154 -10.00 0.89 -6.98
CA TRP A 154 -10.99 1.24 -8.04
C TRP A 154 -10.57 2.59 -8.62
N GLN A 155 -10.54 2.73 -9.96
CA GLN A 155 -10.38 4.02 -10.68
C GLN A 155 -11.69 4.41 -11.37
N LYS A 156 -11.91 5.71 -11.59
CA LYS A 156 -13.12 6.26 -12.26
C LYS A 156 -12.91 6.02 -13.75
N GLY A 157 -13.81 5.22 -14.37
CA GLY A 157 -13.69 4.60 -15.72
C GLY A 157 -13.79 5.66 -16.82
N MET B 1 -0.39 -20.09 -9.37
CA MET B 1 -0.22 -19.03 -8.32
C MET B 1 0.09 -17.70 -9.01
N LYS B 2 -0.33 -16.60 -8.41
CA LYS B 2 0.00 -15.26 -8.94
C LYS B 2 1.45 -14.94 -8.52
N VAL B 3 2.21 -14.37 -9.44
CA VAL B 3 3.55 -13.82 -9.19
C VAL B 3 3.43 -12.30 -9.26
N SER B 4 3.64 -11.59 -8.15
CA SER B 4 3.87 -10.13 -8.14
C SER B 4 5.36 -9.90 -7.93
N LEU B 5 5.81 -8.70 -8.16
CA LEU B 5 7.19 -8.23 -7.98
C LEU B 5 7.14 -6.88 -7.27
N MET B 6 7.94 -6.70 -6.20
CA MET B 6 7.93 -5.42 -5.46
C MET B 6 9.35 -4.87 -5.33
N ALA B 7 9.58 -3.64 -5.80
CA ALA B 7 10.90 -2.99 -5.74
C ALA B 7 10.79 -1.51 -5.42
N ALA B 8 11.91 -1.00 -4.96
CA ALA B 8 12.21 0.42 -4.80
C ALA B 8 13.52 0.66 -5.55
N LYS B 9 13.48 1.57 -6.54
CA LYS B 9 14.64 1.94 -7.39
C LYS B 9 14.79 3.46 -7.36
N ALA B 10 16.02 3.95 -7.45
CA ALA B 10 16.30 5.39 -7.64
C ALA B 10 15.87 5.72 -9.06
N LYS B 11 15.81 7.02 -9.39
CA LYS B 11 15.42 7.52 -10.73
C LYS B 11 16.43 7.07 -11.78
N ASN B 12 17.65 6.69 -11.39
CA ASN B 12 18.64 6.18 -12.36
C ASN B 12 18.58 4.65 -12.44
N GLY B 13 17.58 4.01 -11.83
CA GLY B 13 17.42 2.53 -11.78
C GLY B 13 18.34 1.82 -10.78
N VAL B 14 19.15 2.51 -9.98
CA VAL B 14 19.97 1.83 -8.94
C VAL B 14 19.01 1.25 -7.89
N ILE B 15 19.20 -0.02 -7.52
CA ILE B 15 18.58 -0.66 -6.33
C ILE B 15 19.67 -0.97 -5.28
N GLY B 16 20.95 -0.98 -5.63
CA GLY B 16 22.00 -1.49 -4.73
C GLY B 16 23.38 -0.96 -5.06
N CYS B 17 24.12 -0.60 -4.02
CA CYS B 17 25.57 -0.28 -3.98
C CYS B 17 26.20 -1.23 -2.97
N GLY B 18 26.77 -2.35 -3.45
CA GLY B 18 27.16 -3.50 -2.61
C GLY B 18 25.95 -3.99 -1.81
N PRO B 19 26.10 -4.28 -0.49
CA PRO B 19 25.00 -4.74 0.35
C PRO B 19 24.09 -3.63 0.93
N HIS B 20 24.21 -2.38 0.48
CA HIS B 20 23.45 -1.22 1.01
C HIS B 20 22.43 -0.76 -0.03
N ILE B 21 21.39 -0.07 0.45
CA ILE B 21 20.50 0.82 -0.37
C ILE B 21 21.00 2.26 -0.19
N PRO B 22 21.52 2.91 -1.27
CA PRO B 22 22.17 4.23 -1.18
C PRO B 22 21.15 5.38 -1.17
N TRP B 23 20.38 5.43 -0.09
CA TRP B 23 19.28 6.39 0.16
C TRP B 23 18.44 5.82 1.29
N SER B 24 17.74 6.71 1.95
CA SER B 24 16.68 6.36 2.91
C SER B 24 15.51 7.34 2.63
N ALA B 25 14.48 6.83 1.96
CA ALA B 25 13.21 7.55 1.67
C ALA B 25 12.19 7.19 2.77
N LYS B 26 12.08 8.06 3.77
CA LYS B 26 11.25 7.87 4.99
C LYS B 26 9.81 7.68 4.54
N GLY B 27 9.20 6.55 4.93
CA GLY B 27 7.81 6.20 4.59
C GLY B 27 7.68 5.11 3.53
N GLU B 28 8.57 5.04 2.54
CA GLU B 28 8.42 4.14 1.37
C GLU B 28 8.26 2.70 1.89
N GLN B 29 9.05 2.30 2.89
CA GLN B 29 9.09 0.87 3.31
C GLN B 29 7.73 0.45 3.90
N LEU B 30 6.90 1.39 4.34
CA LEU B 30 5.54 1.06 4.83
C LEU B 30 4.77 0.33 3.72
N LEU B 31 5.07 0.59 2.45
CA LEU B 31 4.31 0.03 1.32
C LEU B 31 4.71 -1.43 1.23
N PHE B 32 6.01 -1.67 1.29
CA PHE B 32 6.55 -3.05 1.33
C PHE B 32 5.94 -3.79 2.54
N LYS B 33 5.85 -3.18 3.73
CA LYS B 33 5.32 -3.90 4.92
C LYS B 33 3.83 -4.20 4.69
N ALA B 34 3.06 -3.25 4.18
CA ALA B 34 1.61 -3.39 3.88
C ALA B 34 1.32 -4.57 2.92
N LEU B 35 2.04 -4.66 1.82
CA LEU B 35 1.68 -5.60 0.74
C LEU B 35 2.34 -6.95 0.97
N THR B 36 3.34 -7.06 1.87
CA THR B 36 3.99 -8.34 2.16
C THR B 36 3.35 -8.98 3.39
N TYR B 37 2.37 -8.36 4.04
CA TYR B 37 1.88 -8.88 5.34
C TYR B 37 1.26 -10.28 5.12
N ASN B 38 1.75 -11.29 5.86
CA ASN B 38 1.35 -12.72 5.78
C ASN B 38 1.38 -13.18 4.34
N GLN B 39 2.38 -12.74 3.57
CA GLN B 39 2.62 -13.24 2.20
C GLN B 39 3.86 -14.11 2.22
N TRP B 40 4.06 -14.79 1.12
CA TRP B 40 5.29 -15.53 0.76
C TRP B 40 6.10 -14.64 -0.15
N LEU B 41 7.39 -14.47 0.14
CA LEU B 41 8.32 -13.69 -0.70
C LEU B 41 9.37 -14.60 -1.35
N LEU B 42 9.86 -14.26 -2.54
CA LEU B 42 11.00 -14.93 -3.22
C LEU B 42 12.14 -13.92 -3.25
N VAL B 43 13.27 -14.22 -2.61
CA VAL B 43 14.43 -13.30 -2.46
C VAL B 43 15.69 -14.07 -2.78
N GLY B 44 16.64 -13.44 -3.46
CA GLY B 44 18.02 -13.93 -3.55
C GLY B 44 18.69 -13.93 -2.18
N ARG B 45 19.69 -14.78 -2.03
CA ARG B 45 20.45 -15.00 -0.80
C ARG B 45 21.09 -13.70 -0.31
N LYS B 46 21.60 -12.85 -1.21
CA LYS B 46 22.40 -11.68 -0.77
C LYS B 46 21.41 -10.67 -0.18
N THR B 47 20.27 -10.49 -0.83
CA THR B 47 19.24 -9.52 -0.38
C THR B 47 18.70 -10.03 0.95
N PHE B 48 18.52 -11.33 1.10
CA PHE B 48 17.94 -11.90 2.33
C PHE B 48 18.90 -11.63 3.50
N GLU B 49 20.21 -11.82 3.27
CA GLU B 49 21.26 -11.64 4.30
C GLU B 49 21.35 -10.14 4.65
N SER B 50 21.29 -9.27 3.65
CA SER B 50 21.47 -7.82 3.88
C SER B 50 20.22 -7.26 4.55
N MET B 51 19.03 -7.80 4.30
CA MET B 51 17.80 -7.11 4.73
C MET B 51 17.11 -7.82 5.88
N GLY B 52 17.46 -9.08 6.18
CA GLY B 52 16.87 -9.82 7.31
C GLY B 52 15.41 -10.20 7.10
N ALA B 53 14.91 -11.03 7.99
CA ALA B 53 13.51 -11.52 8.00
C ALA B 53 12.65 -10.57 8.83
N LEU B 54 11.43 -10.29 8.37
CA LEU B 54 10.38 -9.67 9.19
C LEU B 54 9.43 -10.78 9.65
N PRO B 55 8.72 -10.54 10.76
CA PRO B 55 7.71 -11.48 11.21
C PRO B 55 6.51 -11.48 10.24
N ASN B 56 5.71 -12.54 10.21
CA ASN B 56 4.41 -12.60 9.51
C ASN B 56 4.61 -12.61 7.99
N ARG B 57 5.74 -13.17 7.55
CA ARG B 57 6.10 -13.39 6.14
C ARG B 57 6.80 -14.75 6.04
N LYS B 58 6.64 -15.45 4.93
CA LYS B 58 7.42 -16.68 4.64
C LYS B 58 8.34 -16.35 3.45
N TYR B 59 9.52 -16.99 3.41
CA TYR B 59 10.61 -16.68 2.46
C TYR B 59 11.01 -17.96 1.72
N ALA B 60 11.07 -17.84 0.40
CA ALA B 60 11.79 -18.74 -0.51
C ALA B 60 13.11 -18.09 -0.85
N VAL B 61 14.24 -18.64 -0.45
CA VAL B 61 15.54 -18.00 -0.73
C VAL B 61 16.29 -18.91 -1.69
N VAL B 62 16.79 -18.36 -2.79
CA VAL B 62 17.52 -19.14 -3.82
C VAL B 62 19.00 -18.84 -3.68
N THR B 63 19.81 -19.89 -3.76
CA THR B 63 21.29 -19.86 -3.78
C THR B 63 21.74 -20.96 -4.74
N ARG B 64 22.90 -20.76 -5.35
CA ARG B 64 23.68 -21.77 -6.11
C ARG B 64 24.70 -22.45 -5.17
N SER B 65 24.94 -21.88 -3.97
CA SER B 65 25.93 -22.40 -2.97
C SER B 65 25.24 -23.34 -1.99
N ALA B 66 25.96 -23.70 -0.91
CA ALA B 66 25.54 -24.62 0.17
C ALA B 66 24.97 -23.84 1.37
N TRP B 67 24.68 -22.56 1.18
CA TRP B 67 24.17 -21.62 2.22
C TRP B 67 22.89 -22.19 2.84
N THR B 68 22.67 -21.97 4.13
CA THR B 68 21.43 -22.45 4.79
C THR B 68 20.94 -21.39 5.78
N ALA B 69 19.83 -21.68 6.44
CA ALA B 69 19.02 -20.73 7.21
C ALA B 69 18.45 -21.44 8.42
N ASP B 70 18.67 -20.94 9.63
CA ASP B 70 18.05 -21.49 10.86
C ASP B 70 16.53 -21.26 10.85
N ASN B 71 16.04 -20.19 10.22
CA ASN B 71 14.64 -19.71 10.39
C ASN B 71 13.65 -20.76 9.88
N ASP B 72 12.66 -21.18 10.67
CA ASP B 72 11.53 -22.07 10.30
C ASP B 72 10.69 -21.47 9.17
N ASN B 73 10.75 -20.15 9.01
CA ASN B 73 9.88 -19.36 8.08
C ASN B 73 10.55 -19.25 6.71
N VAL B 74 11.65 -19.97 6.50
CA VAL B 74 12.50 -19.88 5.29
C VAL B 74 12.61 -21.27 4.66
N ILE B 75 12.44 -21.36 3.33
CA ILE B 75 12.84 -22.58 2.56
C ILE B 75 13.88 -22.17 1.52
N VAL B 76 14.98 -22.87 1.47
CA VAL B 76 16.08 -22.58 0.52
C VAL B 76 15.84 -23.43 -0.71
N PHE B 77 16.01 -22.85 -1.90
CA PHE B 77 15.80 -23.56 -3.17
C PHE B 77 17.09 -23.41 -3.95
N PRO B 78 17.49 -24.46 -4.72
CA PRO B 78 18.73 -24.41 -5.51
C PRO B 78 18.57 -23.60 -6.80
N SER B 79 17.32 -23.27 -7.17
CA SER B 79 17.00 -22.50 -8.40
C SER B 79 15.65 -21.78 -8.28
N ILE B 80 15.43 -20.83 -9.17
CA ILE B 80 14.16 -20.06 -9.26
C ILE B 80 13.08 -21.02 -9.74
N GLU B 81 13.46 -21.91 -10.61
CA GLU B 81 12.58 -22.91 -11.26
C GLU B 81 11.99 -23.75 -10.09
N GLU B 82 12.87 -24.25 -9.25
CA GLU B 82 12.51 -25.11 -8.10
C GLU B 82 11.64 -24.32 -7.11
N ALA B 83 12.07 -23.11 -6.73
CA ALA B 83 11.31 -22.21 -5.85
C ALA B 83 9.88 -22.03 -6.41
N MET B 84 9.73 -21.81 -7.71
CA MET B 84 8.38 -21.62 -8.32
C MET B 84 7.56 -22.90 -8.14
N TYR B 85 8.13 -24.07 -8.43
CA TYR B 85 7.38 -25.34 -8.39
C TYR B 85 6.95 -25.59 -6.93
N GLY B 86 7.91 -25.49 -6.01
CA GLY B 86 7.69 -25.55 -4.55
C GLY B 86 6.61 -24.61 -4.08
N LEU B 87 6.76 -23.32 -4.35
CA LEU B 87 5.83 -22.28 -3.86
C LEU B 87 4.43 -22.60 -4.33
N ALA B 88 4.31 -23.09 -5.56
CA ALA B 88 3.01 -23.28 -6.23
C ALA B 88 2.16 -24.26 -5.42
N GLU B 89 2.79 -25.14 -4.65
CA GLU B 89 2.04 -26.13 -3.84
C GLU B 89 1.78 -25.50 -2.48
N LEU B 90 2.48 -24.43 -2.09
CA LEU B 90 2.43 -23.83 -0.71
C LEU B 90 1.59 -22.54 -0.63
N THR B 91 1.27 -21.89 -1.75
CA THR B 91 0.57 -20.58 -1.70
C THR B 91 -0.11 -20.27 -3.02
N ASP B 92 -1.21 -19.50 -2.96
CA ASP B 92 -1.92 -18.87 -4.11
C ASP B 92 -1.06 -17.75 -4.71
N HIS B 93 -0.07 -17.21 -4.00
CA HIS B 93 0.52 -15.88 -4.32
C HIS B 93 1.93 -15.76 -3.76
N VAL B 94 2.89 -15.35 -4.58
CA VAL B 94 4.26 -15.05 -4.11
C VAL B 94 4.65 -13.63 -4.57
N ILE B 95 5.32 -12.87 -3.68
CA ILE B 95 5.87 -11.53 -4.04
C ILE B 95 7.38 -11.65 -4.13
N VAL B 96 7.89 -11.54 -5.35
CA VAL B 96 9.34 -11.48 -5.64
C VAL B 96 9.83 -10.16 -5.10
N SER B 97 10.75 -10.18 -4.14
CA SER B 97 11.15 -8.99 -3.35
C SER B 97 12.65 -8.74 -3.43
N GLY B 98 13.28 -9.18 -4.50
CA GLY B 98 14.58 -8.63 -4.86
C GLY B 98 15.73 -9.61 -4.80
N GLY B 99 16.88 -8.99 -4.98
CA GLY B 99 17.92 -9.33 -5.95
C GLY B 99 17.72 -8.57 -7.26
N GLY B 100 18.77 -7.88 -7.74
CA GLY B 100 19.00 -7.60 -9.18
C GLY B 100 18.80 -8.83 -10.04
N GLU B 101 19.55 -9.88 -9.75
CA GLU B 101 19.57 -11.16 -10.52
C GLU B 101 18.12 -11.70 -10.51
N ILE B 102 17.49 -11.77 -9.35
CA ILE B 102 16.15 -12.38 -9.14
C ILE B 102 15.09 -11.61 -9.94
N TYR B 103 15.20 -10.29 -9.96
CA TYR B 103 14.25 -9.41 -10.67
C TYR B 103 14.39 -9.68 -12.17
N ARG B 104 15.63 -9.71 -12.67
CA ARG B 104 15.95 -10.04 -14.11
C ARG B 104 15.34 -11.39 -14.47
N GLU B 105 15.47 -12.41 -13.62
CA GLU B 105 15.06 -13.79 -13.99
C GLU B 105 13.56 -14.02 -13.77
N THR B 106 12.81 -13.14 -13.08
CA THR B 106 11.40 -13.39 -12.66
C THR B 106 10.41 -12.41 -13.31
N LEU B 107 10.92 -11.27 -13.81
CA LEU B 107 10.07 -10.16 -14.32
C LEU B 107 9.12 -10.66 -15.39
N PRO B 108 9.61 -11.40 -16.42
CA PRO B 108 8.75 -12.14 -17.34
C PRO B 108 7.62 -13.04 -16.78
N MET B 109 7.66 -13.49 -15.54
CA MET B 109 6.62 -14.42 -14.99
C MET B 109 5.58 -13.63 -14.18
N ALA B 110 5.87 -12.36 -13.89
CA ALA B 110 5.08 -11.48 -13.02
C ALA B 110 3.81 -11.05 -13.73
N SER B 111 2.71 -10.91 -13.01
CA SER B 111 1.46 -10.37 -13.59
C SER B 111 1.16 -8.98 -13.00
N THR B 112 1.91 -8.55 -11.97
CA THR B 112 1.76 -7.23 -11.28
C THR B 112 3.08 -6.77 -10.71
N LEU B 113 3.49 -5.55 -11.05
CA LEU B 113 4.70 -4.87 -10.50
C LEU B 113 4.27 -3.79 -9.49
N HIS B 114 4.91 -3.77 -8.32
CA HIS B 114 4.78 -2.67 -7.34
C HIS B 114 6.10 -1.94 -7.34
N ILE B 115 6.18 -0.79 -7.96
CA ILE B 115 7.50 -0.09 -8.17
C ILE B 115 7.48 1.25 -7.45
N SER B 116 8.45 1.49 -6.56
CA SER B 116 8.70 2.79 -5.90
C SER B 116 9.95 3.39 -6.50
N THR B 117 9.83 4.62 -7.03
CA THR B 117 10.97 5.37 -7.58
C THR B 117 11.29 6.50 -6.62
N ILE B 118 12.51 6.53 -6.15
CA ILE B 118 13.04 7.51 -5.19
C ILE B 118 13.65 8.70 -5.97
N ASP B 119 13.36 9.93 -5.57
CA ASP B 119 13.86 11.17 -6.19
C ASP B 119 15.34 11.36 -5.83
N ILE B 120 16.21 10.52 -6.39
CA ILE B 120 17.68 10.60 -6.22
C ILE B 120 18.31 9.76 -7.33
N GLU B 121 19.56 10.09 -7.70
CA GLU B 121 20.37 9.45 -8.76
C GLU B 121 21.74 9.13 -8.17
N PRO B 122 21.82 8.21 -7.19
CA PRO B 122 23.08 7.90 -6.50
C PRO B 122 24.02 6.92 -7.21
N GLU B 123 25.29 6.92 -6.77
CA GLU B 123 26.31 5.88 -7.11
C GLU B 123 25.67 4.53 -6.78
N GLY B 124 25.97 3.49 -7.55
CA GLY B 124 25.30 2.18 -7.42
C GLY B 124 25.86 1.26 -8.48
N ASP B 125 25.73 -0.06 -8.35
CA ASP B 125 26.20 -1.05 -9.36
C ASP B 125 25.26 -2.26 -9.41
N VAL B 126 24.06 -2.15 -8.87
CA VAL B 126 22.92 -3.05 -9.18
C VAL B 126 21.79 -2.18 -9.68
N PHE B 127 21.11 -2.65 -10.71
CA PHE B 127 20.11 -1.90 -11.50
C PHE B 127 18.87 -2.76 -11.67
N PHE B 128 17.70 -2.12 -11.65
CA PHE B 128 16.41 -2.80 -11.91
C PHE B 128 16.38 -3.07 -13.39
N PRO B 129 15.87 -4.20 -13.89
CA PRO B 129 15.80 -4.41 -15.35
C PRO B 129 14.83 -3.42 -16.03
N ASN B 130 14.88 -3.33 -17.35
CA ASN B 130 13.93 -2.52 -18.16
C ASN B 130 12.56 -3.23 -18.12
N ILE B 131 11.50 -2.45 -18.02
CA ILE B 131 10.13 -2.96 -17.82
C ILE B 131 9.58 -3.20 -19.22
N PRO B 132 9.25 -4.43 -19.60
CA PRO B 132 8.70 -4.66 -20.93
C PRO B 132 7.39 -3.89 -21.11
N ASN B 133 7.08 -3.40 -22.33
CA ASN B 133 5.87 -2.56 -22.63
C ASN B 133 4.61 -3.44 -22.63
N THR B 134 4.73 -4.74 -22.37
CA THR B 134 3.59 -5.63 -22.09
C THR B 134 2.85 -5.15 -20.84
N PHE B 135 3.45 -4.27 -20.02
CA PHE B 135 3.00 -3.81 -18.67
C PHE B 135 2.49 -2.38 -18.77
N GLU B 136 1.44 -2.06 -18.01
CA GLU B 136 0.83 -0.71 -18.00
C GLU B 136 0.59 -0.24 -16.56
N VAL B 137 0.89 1.01 -16.25
CA VAL B 137 0.59 1.64 -14.94
C VAL B 137 -0.92 1.80 -14.77
N VAL B 138 -1.49 1.36 -13.66
CA VAL B 138 -2.95 1.39 -13.39
C VAL B 138 -3.23 2.25 -12.16
N PHE B 139 -2.18 2.59 -11.44
CA PHE B 139 -2.27 3.36 -10.19
C PHE B 139 -0.91 3.99 -9.94
N GLU B 140 -0.93 5.17 -9.34
CA GLU B 140 0.29 5.96 -9.07
C GLU B 140 -0.08 6.97 -8.00
N GLN B 141 0.81 7.19 -7.05
CA GLN B 141 0.62 8.26 -6.05
C GLN B 141 2.00 8.76 -5.68
N HIS B 142 2.16 10.08 -5.64
CA HIS B 142 3.40 10.79 -5.23
C HIS B 142 3.41 10.96 -3.70
N PHE B 143 4.58 10.81 -3.10
CA PHE B 143 4.81 11.07 -1.68
C PHE B 143 5.93 12.11 -1.55
N SER B 144 5.70 13.18 -0.80
CA SER B 144 6.76 14.09 -0.32
C SER B 144 7.39 13.48 0.92
N SER B 145 8.71 13.34 0.97
CA SER B 145 9.44 13.02 2.23
C SER B 145 10.83 13.68 2.19
N ASN B 146 11.74 13.26 3.08
CA ASN B 146 13.15 13.70 3.10
C ASN B 146 13.66 13.58 1.65
N ILE B 147 13.31 12.49 0.97
CA ILE B 147 13.48 12.28 -0.48
C ILE B 147 12.14 11.81 -1.02
N ASN B 148 11.58 12.52 -1.98
CA ASN B 148 10.25 12.13 -2.49
C ASN B 148 10.35 10.76 -3.12
N TYR B 149 9.21 10.13 -3.32
CA TYR B 149 9.11 8.82 -3.97
C TYR B 149 7.74 8.74 -4.62
N CYS B 150 7.71 7.95 -5.67
CA CYS B 150 6.53 7.72 -6.52
C CYS B 150 6.27 6.22 -6.44
N TYR B 151 5.05 5.82 -6.12
CA TYR B 151 4.59 4.41 -6.08
C TYR B 151 3.68 4.19 -7.28
N GLN B 152 3.95 3.15 -8.05
CA GLN B 152 3.16 2.79 -9.24
C GLN B 152 2.88 1.31 -9.20
N ILE B 153 1.66 0.94 -9.52
CA ILE B 153 1.30 -0.46 -9.82
C ILE B 153 1.14 -0.61 -11.35
N TRP B 154 1.93 -1.53 -11.93
CA TRP B 154 1.84 -2.00 -13.33
C TRP B 154 1.18 -3.37 -13.38
N GLN B 155 0.24 -3.61 -14.28
CA GLN B 155 -0.32 -4.93 -14.66
C GLN B 155 0.22 -5.38 -16.04
N LYS B 156 0.47 -6.68 -16.26
CA LYS B 156 0.73 -7.24 -17.63
C LYS B 156 -0.60 -7.21 -18.41
N GLY B 157 -0.66 -6.46 -19.52
CA GLY B 157 -1.88 -6.10 -20.30
C GLY B 157 -2.50 -7.27 -21.05
C1 TOP C . -8.87 1.63 8.10
N2 TOP C . -8.36 1.03 7.01
C3 TOP C . -8.49 1.71 5.84
N4 TOP C . -7.99 1.16 4.74
N5 TOP C . -9.08 2.92 5.73
C6 TOP C . -9.58 3.49 6.83
N7 TOP C . -10.18 4.70 6.68
C8 TOP C . -9.51 2.85 8.08
C9 TOP C . -10.03 3.50 9.35
C10 TOP C . -8.95 4.32 10.04
C11 TOP C . -8.98 5.72 10.02
C12 TOP C . -7.99 6.47 10.65
O13 TOP C . -7.97 7.84 10.68
C14 TOP C . -9.00 8.51 9.96
C15 TOP C . -6.91 5.82 11.28
O16 TOP C . -5.90 6.50 11.90
C17 TOP C . -6.25 7.06 13.17
C18 TOP C . -6.87 4.41 11.29
O19 TOP C . -5.79 3.90 11.96
C20 TOP C . -5.31 2.60 11.61
C21 TOP C . -7.89 3.68 10.69
PA NDP D . -18.23 11.59 10.21
O1A NDP D . -16.91 11.02 10.59
O2A NDP D . -18.62 11.69 8.79
O5B NDP D . -18.46 13.01 10.93
C5B NDP D . -19.59 13.78 10.48
C4B NDP D . -19.44 15.19 10.96
O4B NDP D . -18.56 15.92 10.04
C3B NDP D . -20.72 16.04 11.04
O3B NDP D . -21.43 15.71 12.22
C2B NDP D . -20.11 17.44 10.95
O2B NDP D . -19.37 17.99 12.06
C1B NDP D . -19.03 17.23 9.87
N9A NDP D . -19.47 17.42 8.49
C8A NDP D . -19.86 16.46 7.60
N7A NDP D . -20.15 16.91 6.41
C5A NDP D . -19.95 18.28 6.50
C6A NDP D . -20.11 19.33 5.57
N6A NDP D . -20.48 19.19 4.30
N1A NDP D . -19.80 20.58 6.01
C2A NDP D . -19.40 20.73 7.27
N3A NDP D . -19.22 19.82 8.22
C4A NDP D . -19.52 18.60 7.78
O3 NDP D . -19.35 10.76 10.97
PN NDP D . -20.06 9.37 10.76
O1N NDP D . -21.06 9.50 9.67
O2N NDP D . -19.09 8.23 10.71
O5D NDP D . -20.83 9.33 12.15
C5D NDP D . -20.91 8.14 12.95
C4D NDP D . -21.32 8.57 14.35
O4D NDP D . -22.73 8.32 14.57
C3D NDP D . -20.58 7.91 15.53
O3D NDP D . -19.44 8.68 15.92
C2D NDP D . -21.73 7.75 16.57
O2D NDP D . -21.42 8.28 17.87
C1D NDP D . -22.95 8.45 15.97
N7N NDP D . -24.40 -1.46 16.78
P2B NDP D . -20.22 18.70 13.28
O1X NDP D . -20.96 17.56 13.94
O2X NDP D . -21.16 19.79 12.67
O3X NDP D . -19.13 19.28 14.21
S SO4 E . -21.85 14.37 19.00
O1 SO4 E . -22.96 13.78 19.71
O2 SO4 E . -20.82 13.35 18.78
O3 SO4 E . -22.34 14.89 17.75
O4 SO4 E . -21.32 15.49 19.76
C1 TOP F . 11.71 -1.70 -0.28
N2 TOP F . 10.60 -1.11 -0.75
C3 TOP F . 9.89 -1.80 -1.69
N4 TOP F . 8.79 -1.22 -2.18
N5 TOP F . 10.22 -3.03 -2.16
C6 TOP F . 11.36 -3.59 -1.66
N7 TOP F . 11.67 -4.77 -2.13
C8 TOP F . 12.15 -2.94 -0.69
C9 TOP F . 13.39 -3.58 -0.10
C10 TOP F . 13.20 -4.38 1.18
C11 TOP F . 13.54 -5.74 1.22
C12 TOP F . 13.36 -6.50 2.38
O13 TOP F . 13.69 -7.83 2.44
C14 TOP F . 13.36 -8.64 1.33
C15 TOP F . 12.85 -5.88 3.56
O16 TOP F . 12.70 -6.53 4.79
C17 TOP F . 12.32 -7.91 4.81
C18 TOP F . 12.54 -4.52 3.50
O19 TOP F . 12.02 -4.01 4.66
C20 TOP F . 11.60 -2.64 4.65
C21 TOP F . 12.72 -3.78 2.33
PA NDP G . 20.44 -11.05 -5.00
O1A NDP G . 19.47 -10.86 -3.88
O2A NDP G . 19.90 -11.17 -6.40
O5B NDP G . 21.25 -12.36 -4.65
C5B NDP G . 21.67 -13.12 -5.81
C4B NDP G . 22.02 -14.50 -5.35
O4B NDP G . 20.83 -15.32 -5.44
C3B NDP G . 23.07 -15.25 -6.17
O3B NDP G . 24.41 -14.82 -5.88
C2B NDP G . 22.73 -16.67 -5.75
O2B NDP G . 23.14 -16.80 -4.38
C1B NDP G . 21.21 -16.61 -5.86
N9A NDP G . 20.62 -16.88 -7.17
C8A NDP G . 20.24 -15.96 -8.13
N7A NDP G . 19.71 -16.52 -9.20
C5A NDP G . 19.68 -17.88 -8.91
C6A NDP G . 19.23 -19.02 -9.62
N6A NDP G . 18.65 -18.99 -10.81
N1A NDP G . 19.34 -20.24 -9.04
C2A NDP G . 19.90 -20.28 -7.82
N3A NDP G . 20.38 -19.30 -7.07
C4A NDP G . 20.24 -18.11 -7.66
O3 NDP G . 21.62 -9.94 -5.04
PN NDP G . 22.06 -8.65 -5.95
O1N NDP G . 23.48 -8.25 -5.64
O2N NDP G . 21.72 -8.92 -7.38
O5D NDP G . 21.11 -7.50 -5.35
C5D NDP G . 21.61 -6.97 -4.06
C4D NDP G . 20.94 -5.67 -3.66
O4D NDP G . 19.65 -5.56 -4.31
C3D NDP G . 20.67 -5.52 -2.16
O3D NDP G . 21.74 -4.89 -1.46
C2D NDP G . 19.35 -4.74 -2.12
O2D NDP G . 19.51 -3.32 -2.15
C1D NDP G . 18.64 -5.25 -3.38
P2B NDP G . 24.59 -17.44 -4.06
O1X NDP G . 25.77 -16.51 -4.19
O2X NDP G . 24.68 -18.55 -5.05
O3X NDP G . 24.35 -17.87 -2.62
#